data_2F31
#
_entry.id   2F31
#
_cell.length_a   102.160
_cell.length_b   65.790
_cell.length_c   46.860
_cell.angle_alpha   90.00
_cell.angle_beta   104.08
_cell.angle_gamma   90.00
#
_symmetry.space_group_name_H-M   'C 1 2 1'
#
loop_
_entity.id
_entity.type
_entity.pdbx_description
1 polymer 'Diaphanous protein homolog 1'
2 polymer 'Diaphanous protein homolog 1'
3 water water
#
loop_
_entity_poly.entity_id
_entity_poly.type
_entity_poly.pdbx_seq_one_letter_code
_entity_poly.pdbx_strand_id
1 'polypeptide(L)'
;SAMMYIQELRSGLRDMHLLSCLESLRVSLNNNPVSWVQTFGAEGLASLLDILKRLHDEKEETSGNYDSRNQHEIIRCLKA
FMNNKFGIKTMLETEEGILLLVRAMDPAVPNMMIDAAKLLSALCILPQPEDMNERVLEAMTERAEMDEVERFQPLLDGLK
SGTSIALKVGCLQLINALITPAEELDFRVHIRSELMRLGLHQVLQELREIENEDMKVQLCVFDEQGDEDFFDL
;
A
2 'polypeptide(L)' DETGVMDSLLEALQSGAAFR B
#
# COMPACT_ATOMS: atom_id res chain seq x y z
N SER A 1 -12.81 -20.72 -15.86
CA SER A 1 -12.82 -20.24 -14.45
C SER A 1 -11.95 -19.00 -14.26
N ALA A 2 -10.63 -19.15 -14.32
CA ALA A 2 -9.75 -17.98 -14.42
C ALA A 2 -10.23 -17.08 -15.54
N MET A 3 -10.60 -17.71 -16.66
CA MET A 3 -10.98 -17.01 -17.89
C MET A 3 -12.36 -16.34 -17.87
N MET A 4 -13.30 -16.96 -17.15
CA MET A 4 -14.66 -16.44 -16.94
C MET A 4 -14.74 -15.21 -16.04
N TYR A 5 -13.89 -15.18 -15.02
CA TYR A 5 -13.67 -13.98 -14.21
C TYR A 5 -13.29 -12.77 -15.04
N ILE A 6 -12.21 -12.92 -15.81
CA ILE A 6 -11.77 -11.91 -16.77
C ILE A 6 -12.90 -11.48 -17.70
N GLN A 7 -13.55 -12.46 -18.32
CA GLN A 7 -14.67 -12.19 -19.20
C GLN A 7 -15.73 -11.37 -18.49
N GLU A 8 -16.10 -11.80 -17.28
CA GLU A 8 -17.06 -11.07 -16.46
C GLU A 8 -16.58 -9.68 -16.05
N LEU A 9 -15.27 -9.50 -15.90
CA LEU A 9 -14.70 -8.24 -15.45
C LEU A 9 -14.59 -7.27 -16.62
N ARG A 10 -14.70 -7.83 -17.83
CA ARG A 10 -14.68 -7.05 -19.07
C ARG A 10 -16.08 -6.80 -19.61
N SER A 11 -17.09 -7.29 -18.91
CA SER A 11 -18.47 -7.29 -19.38
C SER A 11 -19.27 -6.02 -19.07
N GLY A 12 -18.67 -5.04 -18.42
CA GLY A 12 -19.37 -3.79 -18.15
C GLY A 12 -20.22 -3.78 -16.88
N LEU A 13 -19.96 -4.73 -16.00
CA LEU A 13 -20.67 -4.83 -14.72
C LEU A 13 -20.46 -3.65 -13.76
N ARG A 14 -21.37 -3.54 -12.80
CA ARG A 14 -21.55 -2.32 -12.01
C ARG A 14 -22.11 -2.72 -10.65
N ASP A 15 -21.71 -1.97 -9.63
CA ASP A 15 -22.47 -1.83 -8.39
C ASP A 15 -22.39 -3.15 -7.62
N MET A 16 -23.52 -3.77 -7.28
CA MET A 16 -23.46 -4.97 -6.46
C MET A 16 -22.98 -6.21 -7.22
N HIS A 17 -23.32 -6.29 -8.50
CA HIS A 17 -22.87 -7.40 -9.32
C HIS A 17 -21.35 -7.36 -9.41
N LEU A 18 -20.79 -6.18 -9.69
CA LEU A 18 -19.35 -5.96 -9.55
C LEU A 18 -18.84 -6.32 -8.17
N LEU A 19 -19.40 -5.72 -7.12
CA LEU A 19 -18.97 -6.13 -5.77
C LEU A 19 -18.94 -7.64 -5.57
N SER A 20 -20.06 -8.31 -5.91
CA SER A 20 -20.21 -9.74 -5.65
C SER A 20 -19.15 -10.56 -6.39
N CYS A 21 -18.90 -10.21 -7.64
CA CYS A 21 -17.94 -10.96 -8.47
C CYS A 21 -16.52 -10.69 -7.97
N LEU A 22 -16.28 -9.47 -7.50
CA LEU A 22 -14.97 -9.14 -6.93
C LEU A 22 -14.68 -9.95 -5.66
N GLU A 23 -15.74 -10.17 -4.88
CA GLU A 23 -15.72 -10.93 -3.64
C GLU A 23 -15.40 -12.40 -3.93
N SER A 24 -16.15 -12.95 -4.88
CA SER A 24 -15.91 -14.24 -5.48
C SER A 24 -14.48 -14.41 -5.95
N LEU A 25 -14.01 -13.42 -6.72
CA LEU A 25 -12.65 -13.38 -7.24
C LEU A 25 -11.63 -13.40 -6.09
N ARG A 26 -11.88 -12.57 -5.11
CA ARG A 26 -11.03 -12.51 -3.91
C ARG A 26 -10.80 -13.88 -3.28
N VAL A 27 -11.88 -14.63 -3.01
CA VAL A 27 -11.76 -15.96 -2.44
C VAL A 27 -10.99 -16.87 -3.38
N SER A 28 -11.44 -16.94 -4.63
CA SER A 28 -10.73 -17.65 -5.68
C SER A 28 -9.22 -17.43 -5.61
N LEU A 29 -8.79 -16.19 -5.80
CA LEU A 29 -7.36 -15.87 -5.68
C LEU A 29 -6.72 -16.31 -4.37
N ASN A 30 -7.51 -16.36 -3.29
CA ASN A 30 -6.96 -16.72 -1.99
C ASN A 30 -6.80 -18.23 -1.84
N ASN A 31 -7.78 -18.98 -2.35
CA ASN A 31 -7.84 -20.42 -2.09
C ASN A 31 -7.07 -21.22 -3.15
N ASN A 32 -6.97 -20.64 -4.34
CA ASN A 32 -6.45 -21.37 -5.50
C ASN A 32 -4.93 -21.39 -5.61
N PRO A 33 -4.37 -22.40 -6.30
CA PRO A 33 -2.91 -22.48 -6.43
C PRO A 33 -2.31 -21.39 -7.32
N VAL A 34 -0.98 -21.30 -7.32
CA VAL A 34 -0.28 -20.25 -8.06
C VAL A 34 -0.44 -20.41 -9.56
N SER A 35 -0.78 -21.62 -10.00
CA SER A 35 -1.01 -21.87 -11.42
C SER A 35 -2.32 -21.24 -11.87
N TRP A 36 -3.30 -21.23 -10.96
CA TRP A 36 -4.57 -20.58 -11.28
C TRP A 36 -4.33 -19.08 -11.35
N VAL A 37 -3.41 -18.58 -10.54
CA VAL A 37 -3.13 -17.15 -10.49
C VAL A 37 -2.41 -16.67 -11.76
N GLN A 38 -1.58 -17.53 -12.34
CA GLN A 38 -0.94 -17.20 -13.62
C GLN A 38 -1.93 -17.31 -14.76
N THR A 39 -2.71 -18.39 -14.75
CA THR A 39 -3.87 -18.42 -15.61
C THR A 39 -4.67 -17.12 -15.61
N PHE A 40 -4.88 -16.51 -14.43
CA PHE A 40 -5.60 -15.23 -14.32
C PHE A 40 -4.69 -14.14 -14.89
N GLY A 41 -3.41 -14.22 -14.52
CA GLY A 41 -2.34 -13.45 -15.14
C GLY A 41 -2.53 -11.96 -15.33
N ALA A 42 -1.77 -11.40 -16.27
CA ALA A 42 -1.59 -9.97 -16.43
C ALA A 42 -2.83 -9.41 -17.11
N GLU A 43 -3.49 -10.29 -17.84
CA GLU A 43 -4.75 -9.98 -18.50
C GLU A 43 -5.81 -9.76 -17.44
N GLY A 44 -5.83 -10.61 -16.41
CA GLY A 44 -6.74 -10.50 -15.28
C GLY A 44 -6.44 -9.26 -14.43
N LEU A 45 -5.21 -9.17 -13.96
CA LEU A 45 -4.71 -7.93 -13.36
C LEU A 45 -5.12 -6.65 -14.10
N ALA A 46 -4.98 -6.64 -15.43
CA ALA A 46 -5.21 -5.44 -16.21
C ALA A 46 -6.68 -5.02 -16.15
N SER A 47 -7.58 -5.99 -16.18
CA SER A 47 -9.02 -5.74 -16.01
C SER A 47 -9.45 -5.29 -14.61
N LEU A 48 -8.77 -5.76 -13.57
CA LEU A 48 -8.95 -5.20 -12.22
C LEU A 48 -8.45 -3.76 -12.15
N LEU A 49 -7.22 -3.55 -12.61
CA LEU A 49 -6.65 -2.20 -12.74
C LEU A 49 -7.46 -1.25 -13.61
N ASP A 50 -8.08 -1.74 -14.67
CA ASP A 50 -9.00 -0.95 -15.47
C ASP A 50 -10.23 -0.45 -14.73
N ILE A 51 -10.93 -1.33 -14.02
CA ILE A 51 -12.06 -0.93 -13.19
C ILE A 51 -11.61 0.00 -12.07
N LEU A 52 -10.52 -0.37 -11.40
CA LEU A 52 -9.97 0.52 -10.38
C LEU A 52 -9.80 1.95 -10.87
N LYS A 53 -9.15 2.12 -12.02
CA LYS A 53 -8.93 3.46 -12.57
C LYS A 53 -10.24 4.22 -12.82
N ARG A 54 -11.23 3.54 -13.38
CA ARG A 54 -12.55 4.10 -13.58
C ARG A 54 -13.19 4.51 -12.25
N LEU A 55 -13.12 3.66 -11.25
CA LEU A 55 -13.63 4.08 -9.94
C LEU A 55 -12.84 5.25 -9.34
N HIS A 56 -11.51 5.20 -9.38
CA HIS A 56 -10.69 6.31 -8.88
C HIS A 56 -11.07 7.67 -9.48
N ASP A 57 -11.55 7.65 -10.71
CA ASP A 57 -11.57 8.81 -11.61
C ASP A 57 -12.95 9.43 -11.71
N GLU A 58 -13.87 9.00 -10.85
CA GLU A 58 -15.30 9.28 -11.03
C GLU A 58 -15.99 9.71 -9.74
N LYS A 59 -16.61 10.88 -9.76
CA LYS A 59 -17.52 11.37 -8.71
C LYS A 59 -17.64 12.89 -8.76
N ASN A 65 -22.48 4.61 -4.89
CA ASN A 65 -23.05 3.84 -3.78
C ASN A 65 -22.22 2.60 -3.44
N TYR A 66 -21.65 1.97 -4.45
CA TYR A 66 -20.79 0.81 -4.20
C TYR A 66 -19.32 1.07 -4.54
N ASP A 67 -18.98 2.34 -4.77
CA ASP A 67 -17.67 2.73 -5.30
C ASP A 67 -16.52 2.37 -4.35
N SER A 68 -16.65 2.80 -3.10
CA SER A 68 -15.63 2.63 -2.06
C SER A 68 -15.42 1.14 -1.82
N ARG A 69 -16.55 0.42 -1.74
CA ARG A 69 -16.54 -1.00 -1.46
C ARG A 69 -15.86 -1.80 -2.57
N ASN A 70 -16.23 -1.49 -3.81
CA ASN A 70 -15.61 -2.00 -5.01
C ASN A 70 -14.12 -1.65 -5.17
N GLN A 71 -13.74 -0.38 -5.03
CA GLN A 71 -12.32 -0.05 -4.90
C GLN A 71 -11.64 -0.89 -3.83
N HIS A 72 -12.23 -0.92 -2.63
CA HIS A 72 -11.65 -1.75 -1.59
C HIS A 72 -11.49 -3.22 -1.97
N GLU A 73 -12.55 -3.84 -2.48
CA GLU A 73 -12.52 -5.25 -2.86
C GLU A 73 -11.48 -5.53 -3.92
N ILE A 74 -11.28 -4.61 -4.86
CA ILE A 74 -10.12 -4.71 -5.73
C ILE A 74 -8.77 -4.71 -5.00
N ILE A 75 -8.61 -3.69 -4.16
CA ILE A 75 -7.42 -3.65 -3.32
C ILE A 75 -7.24 -4.97 -2.57
N ARG A 76 -8.32 -5.56 -2.07
CA ARG A 76 -8.26 -6.91 -1.50
C ARG A 76 -7.86 -8.01 -2.48
N CYS A 77 -8.43 -8.00 -3.69
CA CYS A 77 -8.05 -8.89 -4.79
C CYS A 77 -6.57 -8.75 -5.13
N LEU A 78 -6.08 -7.52 -5.14
CA LEU A 78 -4.67 -7.23 -5.31
C LEU A 78 -3.76 -7.89 -4.28
N LYS A 79 -4.14 -7.87 -3.01
CA LYS A 79 -3.36 -8.51 -1.96
C LYS A 79 -3.17 -9.99 -2.22
N ALA A 80 -4.26 -10.62 -2.66
CA ALA A 80 -4.27 -12.05 -2.95
C ALA A 80 -3.43 -12.44 -4.17
N PHE A 81 -3.70 -11.81 -5.32
CA PHE A 81 -2.86 -11.88 -6.51
C PHE A 81 -1.36 -11.78 -6.18
N MET A 82 -1.00 -10.82 -5.33
CA MET A 82 0.38 -10.56 -4.95
C MET A 82 0.89 -11.41 -3.79
N ASN A 83 0.16 -12.44 -3.41
CA ASN A 83 0.64 -13.24 -2.28
C ASN A 83 1.52 -14.38 -2.75
N ASN A 84 2.16 -14.15 -3.88
CA ASN A 84 3.12 -15.08 -4.48
C ASN A 84 4.04 -14.27 -5.40
N LYS A 85 5.16 -14.87 -5.79
CA LYS A 85 6.19 -14.24 -6.62
C LYS A 85 5.70 -13.71 -7.97
N PHE A 86 5.08 -14.58 -8.76
CA PHE A 86 4.49 -14.17 -10.03
C PHE A 86 3.64 -12.90 -9.92
N GLY A 87 2.73 -12.85 -8.94
CA GLY A 87 1.80 -11.73 -8.78
C GLY A 87 2.52 -10.44 -8.41
N ILE A 88 3.55 -10.56 -7.59
CA ILE A 88 4.41 -9.44 -7.26
C ILE A 88 5.11 -8.88 -8.50
N LYS A 89 5.79 -9.75 -9.25
CA LYS A 89 6.45 -9.41 -10.52
C LYS A 89 5.52 -8.72 -11.51
N THR A 90 4.34 -9.30 -11.67
CA THR A 90 3.34 -8.90 -12.65
C THR A 90 2.69 -7.56 -12.28
N MET A 91 2.52 -7.28 -10.99
CA MET A 91 2.09 -5.96 -10.56
C MET A 91 3.16 -4.93 -10.88
N LEU A 92 4.42 -5.29 -10.62
CA LEU A 92 5.52 -4.35 -10.79
C LEU A 92 5.87 -4.12 -12.27
N GLU A 93 5.45 -5.06 -13.12
CA GLU A 93 5.50 -4.88 -14.58
C GLU A 93 4.43 -3.95 -15.12
N THR A 94 3.37 -3.69 -14.37
CA THR A 94 2.34 -2.76 -14.84
C THR A 94 2.86 -1.33 -15.01
N GLU A 95 2.34 -0.61 -16.00
CA GLU A 95 2.53 0.83 -16.11
C GLU A 95 1.97 1.62 -14.92
N GLU A 96 0.73 1.33 -14.52
CA GLU A 96 0.01 2.19 -13.58
C GLU A 96 -0.40 1.63 -12.22
N GLY A 97 -0.11 0.36 -11.93
CA GLY A 97 -0.61 -0.27 -10.71
C GLY A 97 -0.09 0.23 -9.38
N ILE A 98 1.22 0.45 -9.27
CA ILE A 98 1.76 1.17 -8.10
C ILE A 98 1.00 2.48 -7.83
N LEU A 99 0.74 3.25 -8.89
CA LEU A 99 0.04 4.54 -8.77
C LEU A 99 -1.40 4.39 -8.32
N LEU A 100 -2.05 3.31 -8.73
CA LEU A 100 -3.45 3.13 -8.40
C LEU A 100 -3.62 2.64 -6.97
N LEU A 101 -2.59 2.02 -6.44
CA LEU A 101 -2.48 1.79 -4.99
C LEU A 101 -2.33 3.06 -4.16
N VAL A 102 -1.47 3.97 -4.61
CA VAL A 102 -1.12 5.16 -3.85
C VAL A 102 -2.39 6.02 -3.83
N ARG A 103 -3.11 5.99 -4.95
CA ARG A 103 -4.40 6.64 -5.08
C ARG A 103 -5.50 5.99 -4.24
N ALA A 104 -5.31 4.74 -3.82
CA ALA A 104 -6.22 4.08 -2.90
C ALA A 104 -6.05 4.56 -1.45
N MET A 105 -4.95 5.26 -1.17
CA MET A 105 -4.77 5.87 0.13
C MET A 105 -5.56 7.16 0.31
N ASP A 106 -6.85 6.97 0.55
CA ASP A 106 -7.75 8.09 0.83
C ASP A 106 -8.05 7.93 2.30
N PRO A 107 -7.56 8.87 3.12
CA PRO A 107 -7.89 8.95 4.54
C PRO A 107 -9.39 8.96 4.82
N ALA A 108 -10.21 9.26 3.82
CA ALA A 108 -11.67 9.28 4.00
C ALA A 108 -12.24 7.87 3.98
N VAL A 109 -11.49 6.93 3.44
CA VAL A 109 -11.87 5.52 3.41
C VAL A 109 -10.77 4.70 4.08
N PRO A 110 -10.70 4.74 5.44
CA PRO A 110 -9.46 4.47 6.14
C PRO A 110 -9.02 3.02 6.06
N ASN A 111 -9.97 2.10 6.02
CA ASN A 111 -9.62 0.68 5.93
C ASN A 111 -9.05 0.21 4.59
N MET A 112 -9.50 0.79 3.48
CA MET A 112 -8.80 0.57 2.20
C MET A 112 -7.46 1.25 2.19
N MET A 113 -7.38 2.44 2.78
CA MET A 113 -6.08 3.08 2.92
C MET A 113 -5.12 2.19 3.69
N ILE A 114 -5.58 1.63 4.82
CA ILE A 114 -4.78 0.66 5.55
C ILE A 114 -4.25 -0.48 4.68
N ASP A 115 -5.16 -1.16 3.99
CA ASP A 115 -4.82 -2.25 3.07
C ASP A 115 -3.90 -1.81 1.92
N ALA A 116 -4.12 -0.62 1.37
CA ALA A 116 -3.23 -0.14 0.33
C ALA A 116 -1.85 0.28 0.82
N ALA A 117 -1.81 0.92 1.99
CA ALA A 117 -0.53 1.34 2.58
C ALA A 117 0.37 0.14 2.87
N LYS A 118 -0.23 -0.95 3.32
CA LYS A 118 0.44 -2.20 3.67
C LYS A 118 1.19 -2.77 2.48
N LEU A 119 0.46 -2.85 1.37
CA LEU A 119 0.97 -3.49 0.17
C LEU A 119 2.06 -2.60 -0.40
N LEU A 120 1.86 -1.28 -0.33
CA LEU A 120 2.97 -0.38 -0.70
C LEU A 120 4.21 -0.51 0.18
N SER A 121 4.03 -0.74 1.48
CA SER A 121 5.12 -0.86 2.43
C SER A 121 5.90 -2.16 2.14
N ALA A 122 5.19 -3.20 1.72
CA ALA A 122 5.81 -4.49 1.44
C ALA A 122 6.61 -4.49 0.14
N LEU A 123 6.08 -3.82 -0.87
CA LEU A 123 6.88 -3.50 -2.04
C LEU A 123 8.20 -2.80 -1.68
N CYS A 124 8.14 -1.82 -0.79
CA CYS A 124 9.32 -1.06 -0.42
C CYS A 124 10.45 -1.91 0.14
N ILE A 125 10.10 -2.92 0.93
CA ILE A 125 11.11 -3.75 1.59
C ILE A 125 11.43 -5.01 0.80
N LEU A 126 11.09 -5.03 -0.48
CA LEU A 126 11.28 -6.20 -1.33
C LEU A 126 12.78 -6.39 -1.58
N PRO A 127 13.27 -7.63 -1.46
CA PRO A 127 14.68 -7.88 -1.77
C PRO A 127 15.02 -7.59 -3.23
N GLN A 128 14.22 -8.11 -4.16
CA GLN A 128 14.34 -7.76 -5.56
C GLN A 128 13.09 -7.06 -6.11
N PRO A 129 13.19 -6.48 -7.31
CA PRO A 129 13.48 -5.08 -7.58
C PRO A 129 13.99 -4.23 -6.42
N GLU A 130 15.23 -3.79 -6.59
CA GLU A 130 15.55 -2.37 -6.69
C GLU A 130 15.35 -1.56 -5.43
N ASP A 131 15.25 -0.26 -5.68
CA ASP A 131 14.61 0.63 -4.75
C ASP A 131 13.18 0.81 -5.23
N MET A 132 12.29 0.05 -4.60
CA MET A 132 10.88 0.08 -4.89
C MET A 132 10.29 1.23 -4.09
N ASN A 133 11.01 1.65 -3.06
CA ASN A 133 10.69 2.90 -2.37
C ASN A 133 10.73 4.14 -3.25
N GLU A 134 11.72 4.24 -4.12
CA GLU A 134 11.83 5.26 -5.17
C GLU A 134 10.61 5.22 -6.09
N ARG A 135 10.25 4.02 -6.54
CA ARG A 135 9.08 3.79 -7.38
C ARG A 135 7.78 4.22 -6.70
N VAL A 136 7.62 3.91 -5.41
CA VAL A 136 6.46 4.35 -4.63
C VAL A 136 6.41 5.86 -4.42
N LEU A 137 7.54 6.47 -4.12
CA LEU A 137 7.62 7.94 -3.98
C LEU A 137 7.22 8.74 -5.22
N GLU A 138 7.72 8.26 -6.35
CA GLU A 138 7.43 8.85 -7.65
C GLU A 138 5.94 8.83 -7.98
N ALA A 139 5.31 7.70 -7.64
CA ALA A 139 3.88 7.52 -7.67
C ALA A 139 3.14 8.46 -6.72
N MET A 140 3.63 8.66 -5.51
CA MET A 140 3.11 9.68 -4.59
C MET A 140 3.27 11.12 -5.08
N THR A 141 4.44 11.47 -5.58
CA THR A 141 4.68 12.65 -6.41
C THR A 141 3.66 12.79 -7.53
N GLU A 142 3.56 11.77 -8.39
CA GLU A 142 2.55 11.70 -9.45
C GLU A 142 1.17 12.02 -8.86
N ARG A 143 0.77 11.34 -7.79
CA ARG A 143 -0.55 11.60 -7.22
C ARG A 143 -0.73 12.99 -6.62
N ALA A 144 0.32 13.51 -5.98
CA ALA A 144 0.25 14.82 -5.35
C ALA A 144 -0.17 15.91 -6.32
N GLU A 145 0.43 15.95 -7.52
CA GLU A 145 -0.01 16.96 -8.46
C GLU A 145 -1.33 16.72 -9.18
N MET A 146 -1.73 15.46 -9.32
CA MET A 146 -3.11 15.14 -9.65
C MET A 146 -4.10 15.76 -8.69
N ASP A 147 -3.98 15.43 -7.40
CA ASP A 147 -4.94 15.91 -6.41
C ASP A 147 -4.64 17.31 -5.88
N GLU A 148 -3.49 17.85 -6.28
CA GLU A 148 -3.05 19.18 -5.89
C GLU A 148 -2.84 19.34 -4.39
N VAL A 149 -2.11 18.38 -3.81
CA VAL A 149 -1.78 18.37 -2.40
C VAL A 149 -0.27 18.10 -2.31
N GLU A 150 0.32 18.28 -1.13
CA GLU A 150 1.70 17.84 -0.90
C GLU A 150 1.73 16.32 -0.90
N ARG A 151 2.82 15.72 -1.39
CA ARG A 151 2.83 14.28 -1.58
C ARG A 151 2.66 13.39 -0.35
N PHE A 152 3.19 13.83 0.79
CA PHE A 152 3.09 13.11 2.05
C PHE A 152 1.87 13.53 2.87
N GLN A 153 1.02 14.39 2.32
CA GLN A 153 -0.16 14.81 3.06
C GLN A 153 -1.19 13.72 3.34
N PRO A 154 -1.52 12.86 2.35
CA PRO A 154 -2.47 11.82 2.74
C PRO A 154 -2.00 11.01 3.95
N LEU A 155 -0.70 10.91 4.13
CA LEU A 155 -0.12 10.05 5.16
C LEU A 155 -0.19 10.74 6.52
N LEU A 156 0.06 12.05 6.51
CA LEU A 156 -0.09 12.88 7.69
C LEU A 156 -1.53 13.10 8.11
N ASP A 157 -2.45 13.05 7.15
CA ASP A 157 -3.87 13.08 7.43
C ASP A 157 -4.36 11.85 8.16
N GLY A 158 -3.64 10.76 7.95
CA GLY A 158 -3.98 9.49 8.57
C GLY A 158 -3.38 9.33 9.94
N LEU A 159 -2.51 10.26 10.33
CA LEU A 159 -1.94 10.22 11.67
C LEU A 159 -2.67 11.20 12.58
N LYS A 160 -3.70 11.87 12.07
CA LYS A 160 -4.49 12.83 12.84
C LYS A 160 -5.15 12.17 14.04
N SER A 161 -5.47 12.95 15.07
CA SER A 161 -5.82 12.35 16.36
C SER A 161 -7.08 11.49 16.32
N GLY A 162 -8.05 11.88 15.50
CA GLY A 162 -9.33 11.20 15.42
C GLY A 162 -9.35 9.80 14.84
N THR A 163 -8.34 9.47 14.03
CA THR A 163 -8.36 8.28 13.19
C THR A 163 -8.04 6.99 13.97
N SER A 164 -8.33 5.84 13.37
CA SER A 164 -8.16 4.56 14.05
C SER A 164 -6.67 4.25 14.25
N ILE A 165 -6.34 3.49 15.29
CA ILE A 165 -4.94 3.19 15.58
C ILE A 165 -4.31 2.38 14.46
N ALA A 166 -5.12 1.57 13.80
CA ALA A 166 -4.69 0.72 12.69
C ALA A 166 -4.17 1.53 11.51
N LEU A 167 -4.83 2.65 11.26
CA LEU A 167 -4.42 3.56 10.21
C LEU A 167 -3.13 4.25 10.63
N LYS A 168 -3.15 4.88 11.82
CA LYS A 168 -1.95 5.52 12.36
C LYS A 168 -0.79 4.57 12.15
N VAL A 169 -0.94 3.34 12.66
CA VAL A 169 0.12 2.36 12.51
C VAL A 169 0.50 2.29 11.03
N GLY A 170 -0.49 2.16 10.17
CA GLY A 170 -0.29 2.01 8.74
C GLY A 170 0.55 3.07 8.06
N CYS A 171 0.17 4.32 8.30
CA CYS A 171 0.94 5.45 7.80
C CYS A 171 2.39 5.47 8.30
N LEU A 172 2.59 5.26 9.60
CA LEU A 172 3.94 5.40 10.15
C LEU A 172 4.81 4.29 9.61
N GLN A 173 4.17 3.15 9.40
CA GLN A 173 4.80 1.97 8.83
C GLN A 173 5.23 2.24 7.39
N LEU A 174 4.46 3.04 6.65
CA LEU A 174 4.87 3.36 5.28
C LEU A 174 5.97 4.41 5.20
N ILE A 175 5.86 5.47 6.01
CA ILE A 175 7.01 6.32 6.28
C ILE A 175 8.30 5.54 6.51
N ASN A 176 8.21 4.48 7.30
CA ASN A 176 9.37 3.70 7.70
C ASN A 176 9.91 2.86 6.54
N ALA A 177 9.01 2.35 5.72
CA ALA A 177 9.30 1.59 4.49
C ALA A 177 9.85 2.44 3.35
N LEU A 178 9.39 3.69 3.28
CA LEU A 178 9.98 4.65 2.36
C LEU A 178 11.42 5.06 2.74
N ILE A 179 11.70 5.14 4.03
CA ILE A 179 13.01 5.63 4.52
C ILE A 179 14.04 4.53 4.77
N THR A 180 13.64 3.47 5.46
CA THR A 180 14.63 2.48 5.91
C THR A 180 15.50 1.90 4.81
N PRO A 181 14.90 1.39 3.71
CA PRO A 181 15.61 0.75 2.59
C PRO A 181 16.60 1.64 1.85
N ALA A 182 16.45 2.95 2.00
CA ALA A 182 17.27 3.93 1.31
C ALA A 182 18.73 3.90 1.76
N GLU A 183 19.65 4.00 0.79
CA GLU A 183 21.06 3.96 1.09
C GLU A 183 21.63 5.35 1.37
N GLU A 184 20.99 6.39 0.86
CA GLU A 184 21.50 7.73 1.04
C GLU A 184 20.97 8.34 2.33
N LEU A 185 21.90 8.82 3.16
CA LEU A 185 21.61 9.58 4.38
C LEU A 185 20.90 10.89 4.07
N ASP A 186 21.30 11.53 2.98
CA ASP A 186 20.83 12.88 2.74
C ASP A 186 19.41 12.86 2.17
N PHE A 187 19.10 11.79 1.45
CA PHE A 187 17.73 11.44 1.10
C PHE A 187 16.86 11.13 2.32
N ARG A 188 17.31 10.19 3.14
CA ARG A 188 16.62 9.85 4.39
C ARG A 188 16.30 11.06 5.26
N VAL A 189 17.26 11.95 5.50
CA VAL A 189 17.02 13.08 6.40
C VAL A 189 16.12 14.15 5.77
N HIS A 190 16.29 14.32 4.46
CA HIS A 190 15.44 15.09 3.55
C HIS A 190 13.97 14.68 3.55
N ILE A 191 13.71 13.39 3.44
CA ILE A 191 12.36 12.87 3.64
C ILE A 191 11.80 13.13 5.03
N ARG A 192 12.58 12.71 6.04
CA ARG A 192 12.24 12.96 7.44
C ARG A 192 11.90 14.43 7.66
N SER A 193 12.72 15.29 7.07
CA SER A 193 12.59 16.72 7.24
C SER A 193 11.38 17.33 6.53
N GLU A 194 11.10 16.89 5.30
CA GLU A 194 9.89 17.28 4.57
C GLU A 194 8.61 16.86 5.28
N LEU A 195 8.63 15.66 5.86
CA LEU A 195 7.55 15.22 6.74
C LEU A 195 7.33 16.06 8.01
N MET A 196 8.43 16.53 8.61
CA MET A 196 8.37 17.33 9.83
C MET A 196 7.87 18.73 9.49
N ARG A 197 8.27 19.26 8.34
CA ARG A 197 7.71 20.51 7.81
C ARG A 197 6.19 20.46 7.62
N LEU A 198 5.67 19.25 7.46
CA LEU A 198 4.27 19.05 7.16
C LEU A 198 3.45 18.89 8.45
N GLY A 199 4.14 18.85 9.59
CA GLY A 199 3.50 18.65 10.89
C GLY A 199 3.69 17.30 11.54
N LEU A 200 4.75 16.58 11.20
CA LEU A 200 4.96 15.27 11.82
C LEU A 200 5.44 15.35 13.27
N HIS A 201 6.17 16.40 13.61
CA HIS A 201 6.75 16.56 14.93
C HIS A 201 5.68 16.75 16.00
N GLN A 202 4.71 17.62 15.74
CA GLN A 202 3.51 17.73 16.56
C GLN A 202 2.72 16.43 16.70
N VAL A 203 2.75 15.57 15.69
CA VAL A 203 1.95 14.36 15.79
C VAL A 203 2.70 13.27 16.54
N LEU A 204 4.02 13.26 16.45
CA LEU A 204 4.82 12.27 17.18
C LEU A 204 4.61 12.43 18.68
N GLN A 205 4.55 13.67 19.15
CA GLN A 205 4.20 13.96 20.54
C GLN A 205 2.96 13.18 20.96
N GLU A 206 1.90 13.31 20.17
CA GLU A 206 0.66 12.58 20.40
C GLU A 206 0.80 11.06 20.23
N LEU A 207 1.34 10.63 19.10
CA LEU A 207 1.53 9.21 18.84
C LEU A 207 2.30 8.55 19.97
N ARG A 208 3.27 9.27 20.54
CA ARG A 208 4.09 8.67 21.58
C ARG A 208 3.37 8.41 22.90
N GLU A 209 2.24 9.09 23.13
CA GLU A 209 1.34 8.77 24.25
C GLU A 209 0.65 7.41 24.14
N ILE A 210 0.39 6.95 22.92
CA ILE A 210 -0.58 5.88 22.65
C ILE A 210 -0.18 4.50 23.19
N GLU A 211 -1.18 3.71 23.57
CA GLU A 211 -1.01 2.43 24.28
C GLU A 211 -0.62 1.19 23.46
N ASN A 212 -0.32 1.34 22.18
CA ASN A 212 -0.33 0.20 21.26
C ASN A 212 1.04 -0.37 20.92
N GLU A 213 1.15 -1.70 20.95
CA GLU A 213 2.42 -2.38 20.71
C GLU A 213 2.94 -2.22 19.29
N ASP A 214 2.03 -2.29 18.32
CA ASP A 214 2.39 -2.09 16.91
C ASP A 214 2.77 -0.64 16.65
N MET A 215 2.08 0.28 17.31
CA MET A 215 2.42 1.69 17.24
C MET A 215 3.77 1.94 17.92
N LYS A 216 3.96 1.32 19.09
CA LYS A 216 5.23 1.46 19.79
C LYS A 216 6.40 0.96 18.94
N VAL A 217 6.12 -0.02 18.10
CA VAL A 217 7.15 -0.64 17.28
C VAL A 217 7.59 0.27 16.13
N GLN A 218 6.62 0.94 15.51
CA GLN A 218 6.94 1.81 14.37
C GLN A 218 7.62 3.09 14.85
N LEU A 219 7.20 3.59 16.01
CA LEU A 219 7.84 4.75 16.63
C LEU A 219 9.28 4.44 17.04
N CYS A 220 9.50 3.28 17.65
CA CYS A 220 10.87 2.85 17.92
C CYS A 220 11.76 2.85 16.67
N VAL A 221 11.28 2.26 15.58
CA VAL A 221 11.99 2.29 14.31
C VAL A 221 12.21 3.73 13.83
N PHE A 222 11.15 4.53 13.81
CA PHE A 222 11.30 5.91 13.34
C PHE A 222 12.33 6.67 14.18
N ASP A 223 12.21 6.59 15.50
CA ASP A 223 13.13 7.27 16.42
C ASP A 223 14.58 6.76 16.27
N GLU A 224 14.79 5.46 16.33
CA GLU A 224 16.15 4.93 16.33
C GLU A 224 16.90 5.25 15.04
N GLN A 225 16.22 5.14 13.91
CA GLN A 225 16.83 5.57 12.65
C GLN A 225 17.03 7.08 12.55
N GLY A 226 16.11 7.87 13.08
CA GLY A 226 16.32 9.31 13.20
C GLY A 226 17.56 9.71 14.00
N ASP A 227 17.79 9.04 15.12
CA ASP A 227 18.96 9.26 15.97
C ASP A 227 20.26 8.98 15.21
N GLU A 228 20.36 7.76 14.70
CA GLU A 228 21.53 7.27 13.97
C GLU A 228 21.87 8.09 12.72
N ASP A 229 20.87 8.73 12.12
CA ASP A 229 21.13 9.55 10.94
C ASP A 229 21.73 10.90 11.32
N PHE A 230 21.15 11.53 12.34
CA PHE A 230 21.68 12.80 12.85
C PHE A 230 23.06 12.60 13.46
N PHE A 231 23.27 11.44 14.09
CA PHE A 231 24.60 11.00 14.52
C PHE A 231 25.59 10.81 13.39
N ASP A 232 25.20 10.12 12.32
CA ASP A 232 26.02 10.01 11.11
C ASP A 232 26.35 11.36 10.47
N LEU A 233 25.40 12.28 10.51
CA LEU A 233 25.56 13.53 9.78
C LEU A 233 26.32 14.58 10.59
N ASP B 1 5.81 -21.11 -6.72
CA ASP B 1 4.73 -22.10 -6.45
C ASP B 1 4.24 -22.08 -5.00
N GLU B 2 4.94 -21.34 -4.14
CA GLU B 2 4.54 -21.19 -2.74
C GLU B 2 3.82 -19.85 -2.51
N THR B 3 2.71 -19.90 -1.79
CA THR B 3 1.91 -18.71 -1.52
C THR B 3 2.28 -18.08 -0.18
N GLY B 4 1.67 -16.96 0.19
CA GLY B 4 1.90 -16.41 1.52
C GLY B 4 3.17 -15.60 1.55
N VAL B 5 3.65 -15.26 0.36
CA VAL B 5 4.78 -14.36 0.17
C VAL B 5 4.46 -12.95 0.68
N MET B 6 3.36 -12.37 0.21
CA MET B 6 2.92 -11.10 0.77
C MET B 6 2.80 -11.28 2.28
N ASP B 7 2.10 -12.34 2.69
CA ASP B 7 1.92 -12.69 4.10
C ASP B 7 3.21 -12.69 4.94
N SER B 8 4.34 -13.05 4.35
CA SER B 8 5.62 -12.97 5.07
C SER B 8 6.07 -11.51 5.23
N LEU B 9 5.75 -10.69 4.24
CA LEU B 9 6.26 -9.32 4.22
C LEU B 9 5.48 -8.44 5.20
N LEU B 10 4.18 -8.68 5.27
CA LEU B 10 3.28 -7.95 6.18
C LEU B 10 3.60 -8.17 7.66
N GLU B 11 4.16 -9.34 7.96
CA GLU B 11 4.49 -9.72 9.32
C GLU B 11 5.83 -9.16 9.78
N ALA B 12 6.78 -9.05 8.86
CA ALA B 12 8.10 -8.50 9.14
C ALA B 12 8.00 -6.98 9.33
N LEU B 13 7.07 -6.38 8.60
CA LEU B 13 6.72 -4.98 8.77
C LEU B 13 6.10 -4.73 10.13
N GLN B 14 5.17 -5.61 10.51
CA GLN B 14 4.29 -5.35 11.66
C GLN B 14 5.04 -5.43 12.98
N SER B 15 5.98 -6.36 13.03
CA SER B 15 6.77 -6.58 14.24
C SER B 15 7.94 -5.60 14.27
N GLY B 16 8.50 -5.31 13.10
CA GLY B 16 9.62 -4.37 13.01
C GLY B 16 10.86 -4.98 12.42
N ALA B 17 10.86 -6.30 12.25
CA ALA B 17 12.04 -7.01 11.75
C ALA B 17 12.50 -6.50 10.39
N ALA B 18 11.56 -6.09 9.55
CA ALA B 18 11.87 -5.62 8.20
C ALA B 18 12.84 -4.44 8.21
N PHE B 19 12.86 -3.69 9.30
CA PHE B 19 13.45 -2.35 9.31
C PHE B 19 14.83 -2.19 9.94
N ARG B 20 15.87 -2.86 9.44
CA ARG B 20 15.87 -4.30 9.24
C ARG B 20 16.03 -4.93 10.62
#